data_5NH2
#
_entry.id   5NH2
#
_cell.length_a   48.034
_cell.length_b   56.152
_cell.length_c   136.599
_cell.angle_alpha   90.00
_cell.angle_beta   90.00
_cell.angle_gamma   90.00
#
_symmetry.space_group_name_H-M   'P 21 21 21'
#
loop_
_entity.id
_entity.type
_entity.pdbx_description
1 polymer 'Adenosine monophosphate-protein transferase'
2 polymer 'Uncharacterized protein'
3 non-polymer 'MAGNESIUM ION'
4 water water
#
loop_
_entity_poly.entity_id
_entity_poly.type
_entity_poly.pdbx_seq_one_letter_code
_entity_poly.pdbx_strand_id
1 'polypeptide(L)'
;MNTEIISPHHYVYPNTTTLKNKYGIKNLNAFLEKCSHDTAKAMINLREESLPEYFDTAYLCHIHQQLFKNTFEWAGYLRH
IPFTFADGTTAAMPEMKRTGWKNAFAIGDEIQEGLQRLDQTLAEKNNLQGLTREEFNSEAIELFNSLNQLHPFREGNGRT
QRLFFENLAKAAGHQLNFSLITKERMMVASVAVAENGDLEPMQHLFEDISNPEKIRLLKEFMHTMKNTGRNVNDRPVMVA
KEGETYTGTYRGAGLEGFALNVKGAYIIGNIDHLPPEQLKILKPGDKITFTAPKAHHHHHH
;
A
2 'polypeptide(L)' MVTVEATENLLSITLEELKKRREAVDAVISTHALEGIALHPKTLKILEGYARGNTSLEEFNTLMDNAKL B
#
loop_
_chem_comp.id
_chem_comp.type
_chem_comp.name
_chem_comp.formula
MG non-polymer 'MAGNESIUM ION' 'Mg 2'
#
# COMPACT_ATOMS: atom_id res chain seq x y z
N ILE A 6 -15.44 -7.26 29.21
CA ILE A 6 -14.53 -6.95 28.07
C ILE A 6 -14.33 -8.17 27.16
N SER A 7 -14.27 -7.95 25.84
CA SER A 7 -14.21 -9.08 24.90
C SER A 7 -13.94 -8.65 23.46
N PRO A 8 -13.14 -9.43 22.74
CA PRO A 8 -12.94 -9.15 21.30
C PRO A 8 -14.22 -9.30 20.53
N HIS A 9 -15.06 -10.23 20.98
CA HIS A 9 -16.36 -10.42 20.36
C HIS A 9 -17.16 -9.14 20.31
N HIS A 10 -16.91 -8.20 21.23
CA HIS A 10 -17.74 -6.99 21.28
C HIS A 10 -17.50 -6.05 20.09
N TYR A 11 -16.48 -6.31 19.24
CA TYR A 11 -16.29 -5.52 18.02
C TYR A 11 -17.33 -5.83 16.90
N VAL A 12 -18.01 -6.98 16.95
CA VAL A 12 -18.92 -7.41 15.88
C VAL A 12 -20.37 -7.49 16.38
N TYR A 13 -21.30 -7.37 15.45
CA TYR A 13 -22.69 -7.54 15.81
C TYR A 13 -22.92 -8.99 16.25
N PRO A 14 -23.62 -9.21 17.36
CA PRO A 14 -23.93 -10.59 17.76
C PRO A 14 -24.49 -11.40 16.60
N ASN A 15 -24.03 -12.66 16.54
CA ASN A 15 -24.40 -13.65 15.51
C ASN A 15 -23.98 -13.25 14.11
N THR A 16 -22.98 -12.38 13.98
CA THR A 16 -22.43 -12.08 12.67
C THR A 16 -20.93 -11.94 12.76
N THR A 17 -20.30 -11.91 11.59
CA THR A 17 -18.89 -11.61 11.40
C THR A 17 -18.63 -10.14 11.01
N THR A 18 -19.64 -9.27 11.06
CA THR A 18 -19.55 -7.89 10.60
C THR A 18 -19.19 -6.93 11.75
N LEU A 19 -18.16 -6.08 11.51
CA LEU A 19 -17.72 -5.11 12.50
C LEU A 19 -18.79 -4.05 12.74
N LYS A 20 -19.11 -3.79 14.01
CA LYS A 20 -20.01 -2.70 14.35
C LYS A 20 -19.54 -1.43 13.66
N ASN A 21 -20.47 -0.74 13.01
CA ASN A 21 -20.08 0.45 12.25
C ASN A 21 -21.13 1.55 12.41
N LYS A 22 -20.74 2.76 12.01
CA LYS A 22 -21.60 3.93 12.11
C LYS A 22 -22.80 3.92 11.15
N TYR A 23 -22.81 3.08 10.08
CA TYR A 23 -23.99 3.00 9.20
C TYR A 23 -25.04 2.02 9.69
N GLY A 24 -24.68 1.13 10.63
CA GLY A 24 -25.59 0.05 10.99
C GLY A 24 -25.77 -1.05 9.95
N ILE A 25 -24.83 -1.21 9.01
CA ILE A 25 -24.87 -2.30 8.06
C ILE A 25 -24.39 -3.58 8.75
N LYS A 26 -25.28 -4.56 8.91
CA LYS A 26 -24.88 -5.89 9.37
C LYS A 26 -24.55 -6.84 8.21
N ASN A 27 -24.97 -6.53 6.99
CA ASN A 27 -24.60 -7.37 5.85
C ASN A 27 -23.17 -7.05 5.44
N LEU A 28 -22.33 -8.07 5.36
CA LEU A 28 -20.88 -7.86 5.28
C LEU A 28 -20.47 -7.10 4.02
N ASN A 29 -20.97 -7.52 2.86
CA ASN A 29 -20.50 -6.91 1.61
C ASN A 29 -20.94 -5.46 1.46
N ALA A 30 -22.16 -5.11 1.92
CA ALA A 30 -22.60 -3.71 1.84
C ALA A 30 -21.77 -2.84 2.78
N PHE A 31 -21.46 -3.37 3.96
CA PHE A 31 -20.52 -2.70 4.83
C PHE A 31 -19.18 -2.49 4.13
N LEU A 32 -18.65 -3.51 3.44
CA LEU A 32 -17.34 -3.37 2.79
C LEU A 32 -17.36 -2.33 1.69
N GLU A 33 -18.40 -2.31 0.86
CA GLU A 33 -18.50 -1.34 -0.23
C GLU A 33 -18.62 0.09 0.30
N LYS A 34 -19.41 0.29 1.38
CA LYS A 34 -19.58 1.64 1.92
C LYS A 34 -18.36 2.12 2.71
N CYS A 35 -17.82 1.26 3.60
CA CYS A 35 -16.53 1.59 4.23
C CYS A 35 -15.44 1.86 3.17
N SER A 36 -15.39 1.07 2.10
CA SER A 36 -14.38 1.32 1.07
C SER A 36 -14.59 2.68 0.42
N HIS A 37 -15.85 3.05 0.20
CA HIS A 37 -16.20 4.27 -0.50
C HIS A 37 -15.81 5.48 0.32
N ASP A 38 -16.15 5.45 1.62
CA ASP A 38 -15.82 6.56 2.52
C ASP A 38 -14.32 6.68 2.71
N THR A 39 -13.61 5.52 2.82
CA THR A 39 -12.16 5.56 2.99
C THR A 39 -11.48 6.11 1.74
N ALA A 40 -12.04 5.85 0.55
CA ALA A 40 -11.53 6.54 -0.64
C ALA A 40 -11.69 8.06 -0.49
N LYS A 41 -12.86 8.50 -0.07
CA LYS A 41 -13.04 9.94 0.09
C LYS A 41 -12.00 10.51 1.06
N ALA A 42 -11.80 9.83 2.21
CA ALA A 42 -10.84 10.31 3.23
C ALA A 42 -9.41 10.33 2.71
N MET A 43 -8.98 9.33 1.95
CA MET A 43 -7.60 9.43 1.44
C MET A 43 -7.42 10.62 0.51
N ILE A 44 -8.41 10.88 -0.37
CA ILE A 44 -8.20 12.01 -1.25
C ILE A 44 -8.07 13.28 -0.44
N ASN A 45 -8.89 13.43 0.61
CA ASN A 45 -8.81 14.67 1.37
C ASN A 45 -7.54 14.72 2.23
N LEU A 46 -7.17 13.61 2.84
CA LEU A 46 -5.93 13.49 3.59
C LEU A 46 -4.74 13.96 2.78
N ARG A 47 -4.76 13.72 1.46
CA ARG A 47 -3.65 14.20 0.65
C ARG A 47 -3.47 15.71 0.71
N GLU A 48 -4.44 16.45 1.26
CA GLU A 48 -4.42 17.91 1.34
C GLU A 48 -3.97 18.49 2.68
N GLU A 49 -3.67 17.66 3.69
CA GLU A 49 -3.17 18.15 4.98
C GLU A 49 -1.67 18.40 4.93
N SER A 50 -1.21 19.30 5.79
CA SER A 50 0.22 19.50 5.95
C SER A 50 0.89 18.28 6.58
N LEU A 51 2.13 18.04 6.16
CA LEU A 51 2.92 16.95 6.69
C LEU A 51 3.34 17.26 8.12
N PRO A 52 3.37 16.27 9.03
CA PRO A 52 3.61 16.57 10.44
C PRO A 52 5.06 16.90 10.69
N GLU A 53 5.32 17.61 11.79
CA GLU A 53 6.71 17.79 12.20
C GLU A 53 7.24 16.56 12.95
N TYR A 54 6.39 15.82 13.67
CA TYR A 54 6.83 14.61 14.36
C TYR A 54 6.11 13.40 13.77
N PHE A 55 6.86 12.54 13.09
CA PHE A 55 6.37 11.22 12.72
C PHE A 55 6.53 10.31 13.93
N ASP A 56 5.41 9.81 14.43
CA ASP A 56 5.32 9.06 15.67
C ASP A 56 4.00 8.28 15.70
N THR A 57 3.71 7.63 16.83
CA THR A 57 2.47 6.85 16.98
C THR A 57 1.22 7.74 16.98
N ALA A 58 1.32 8.97 17.52
CA ALA A 58 0.25 9.96 17.38
C ALA A 58 -0.12 10.17 15.92
N TYR A 59 0.89 10.37 15.07
CA TYR A 59 0.58 10.64 13.67
C TYR A 59 -0.04 9.41 13.01
N LEU A 60 0.54 8.23 13.25
CA LEU A 60 -0.08 6.97 12.79
C LEU A 60 -1.56 6.89 13.17
N CYS A 61 -1.89 7.23 14.44
CA CYS A 61 -3.28 7.14 14.87
C CYS A 61 -4.15 8.23 14.25
N HIS A 62 -3.59 9.42 13.99
CA HIS A 62 -4.29 10.47 13.26
C HIS A 62 -4.65 10.02 11.83
N ILE A 63 -3.70 9.41 11.12
CA ILE A 63 -4.02 8.83 9.81
C ILE A 63 -5.18 7.81 9.89
N HIS A 64 -5.09 6.83 10.81
CA HIS A 64 -6.15 5.83 10.93
C HIS A 64 -7.48 6.52 11.27
N GLN A 65 -7.42 7.55 12.11
CA GLN A 65 -8.62 8.28 12.50
C GLN A 65 -9.22 9.01 11.30
N GLN A 66 -8.40 9.57 10.41
CA GLN A 66 -9.00 10.28 9.29
C GLN A 66 -9.57 9.28 8.28
N LEU A 67 -8.90 8.12 8.11
CA LEU A 67 -9.40 7.17 7.11
C LEU A 67 -10.76 6.61 7.50
N PHE A 68 -10.92 6.24 8.77
CA PHE A 68 -12.06 5.44 9.21
C PHE A 68 -13.08 6.14 10.11
N LYS A 69 -12.91 7.44 10.39
CA LYS A 69 -13.82 8.17 11.27
C LYS A 69 -15.29 8.07 10.86
N ASN A 70 -15.60 7.96 9.57
CA ASN A 70 -16.99 7.86 9.20
C ASN A 70 -17.52 6.43 9.28
N THR A 71 -16.64 5.47 9.54
CA THR A 71 -17.04 4.07 9.59
C THR A 71 -17.14 3.58 11.05
N PHE A 72 -16.01 3.65 11.80
CA PHE A 72 -15.89 3.05 13.13
C PHE A 72 -15.84 4.11 14.23
N GLU A 73 -16.53 3.84 15.34
CA GLU A 73 -16.38 4.67 16.53
C GLU A 73 -14.93 4.68 17.05
N TRP A 74 -14.18 3.60 16.85
CA TRP A 74 -12.81 3.48 17.36
C TRP A 74 -11.74 3.93 16.35
N ALA A 75 -12.11 4.67 15.30
CA ALA A 75 -11.11 5.19 14.38
C ALA A 75 -9.98 5.85 15.16
N GLY A 76 -8.74 5.42 14.90
CA GLY A 76 -7.60 5.93 15.65
C GLY A 76 -7.30 5.29 17.00
N TYR A 77 -8.06 4.28 17.45
CA TYR A 77 -7.72 3.60 18.70
C TYR A 77 -7.03 2.26 18.45
N LEU A 78 -6.00 2.00 19.25
CA LEU A 78 -5.18 0.80 19.21
C LEU A 78 -5.90 -0.35 19.87
N ARG A 79 -5.60 -1.57 19.42
CA ARG A 79 -6.47 -2.69 19.77
C ARG A 79 -6.22 -3.27 21.18
N HIS A 80 -5.11 -2.93 21.81
CA HIS A 80 -4.90 -3.42 23.18
C HIS A 80 -5.43 -2.45 24.23
N ILE A 81 -6.05 -1.35 23.83
CA ILE A 81 -6.65 -0.39 24.75
C ILE A 81 -8.14 -0.63 24.75
N PRO A 82 -8.78 -0.86 25.89
CA PRO A 82 -10.22 -1.16 25.90
C PRO A 82 -11.02 -0.01 25.33
N PHE A 83 -11.90 -0.33 24.37
CA PHE A 83 -12.74 0.70 23.76
C PHE A 83 -14.20 0.43 24.10
N THR A 84 -14.91 1.47 24.53
CA THR A 84 -16.31 1.33 24.91
C THR A 84 -17.20 1.99 23.87
N PHE A 85 -18.02 1.17 23.21
CA PHE A 85 -18.94 1.62 22.18
C PHE A 85 -20.07 2.47 22.77
N ALA A 86 -20.67 3.31 21.92
CA ALA A 86 -21.85 4.03 22.35
C ALA A 86 -22.96 3.11 22.84
N ASP A 87 -22.94 1.82 22.46
CA ASP A 87 -23.96 0.87 22.94
C ASP A 87 -23.68 0.32 24.34
N GLY A 88 -22.55 0.67 24.98
CA GLY A 88 -22.25 0.24 26.30
C GLY A 88 -21.21 -0.87 26.42
N THR A 89 -20.97 -1.65 25.36
CA THR A 89 -20.06 -2.79 25.45
C THR A 89 -18.61 -2.34 25.28
N THR A 90 -17.69 -3.12 25.82
CA THR A 90 -16.27 -2.78 25.79
C THR A 90 -15.46 -3.90 25.13
N ALA A 91 -14.74 -3.53 24.09
CA ALA A 91 -14.01 -4.46 23.25
C ALA A 91 -12.52 -4.19 23.35
N ALA A 92 -11.71 -5.22 23.15
CA ALA A 92 -10.28 -5.11 22.89
C ALA A 92 -9.84 -6.41 22.24
N MET A 93 -8.72 -6.34 21.51
CA MET A 93 -8.10 -7.56 20.97
C MET A 93 -6.58 -7.52 21.17
N PRO A 94 -6.13 -7.63 22.44
CA PRO A 94 -4.67 -7.77 22.70
C PRO A 94 -3.98 -8.89 21.91
N GLU A 95 -4.70 -9.94 21.54
CA GLU A 95 -4.11 -10.99 20.71
C GLU A 95 -5.04 -11.17 19.52
N MET A 96 -4.50 -11.00 18.31
CA MET A 96 -5.29 -11.20 17.09
C MET A 96 -4.68 -12.39 16.36
N LYS A 97 -5.35 -13.54 16.42
CA LYS A 97 -4.77 -14.76 15.89
C LYS A 97 -4.94 -14.76 14.39
N ARG A 98 -3.97 -15.38 13.72
CA ARG A 98 -3.97 -15.50 12.28
C ARG A 98 -4.32 -16.95 11.90
N THR A 99 -5.16 -17.11 10.87
CA THR A 99 -5.45 -18.44 10.34
C THR A 99 -4.29 -18.84 9.44
N GLY A 100 -3.58 -19.92 9.81
CA GLY A 100 -2.59 -20.60 8.98
C GLY A 100 -1.22 -19.95 8.87
N TRP A 101 -1.03 -18.75 9.40
CA TRP A 101 0.00 -17.79 8.98
C TRP A 101 1.30 -17.93 9.77
N LYS A 102 2.07 -16.85 9.76
CA LYS A 102 3.45 -16.76 10.19
C LYS A 102 3.55 -16.79 11.72
N ASN A 103 4.63 -16.23 12.24
CA ASN A 103 4.87 -15.99 13.66
C ASN A 103 3.85 -15.04 14.28
N ALA A 104 2.98 -14.51 13.46
CA ALA A 104 1.87 -13.66 13.86
C ALA A 104 2.30 -12.36 14.52
N PHE A 105 1.44 -11.81 15.35
CA PHE A 105 1.37 -10.40 15.66
C PHE A 105 1.69 -10.20 17.13
N ALA A 106 2.16 -8.99 17.43
CA ALA A 106 2.49 -8.65 18.80
C ALA A 106 1.23 -8.78 19.66
N ILE A 107 1.45 -9.15 20.92
CA ILE A 107 0.37 -9.45 21.85
C ILE A 107 0.42 -8.45 23.04
N GLY A 108 -0.66 -7.70 23.22
CA GLY A 108 -0.81 -6.91 24.45
C GLY A 108 0.32 -5.90 24.65
N ASP A 109 1.00 -6.02 25.80
CA ASP A 109 2.04 -5.07 26.16
C ASP A 109 3.17 -5.01 25.11
N GLU A 110 3.35 -6.09 24.31
CA GLU A 110 4.33 -6.09 23.22
C GLU A 110 4.01 -5.03 22.18
N ILE A 111 2.71 -4.83 21.87
CA ILE A 111 2.32 -3.72 20.99
C ILE A 111 2.84 -2.41 21.56
N GLN A 112 2.57 -2.18 22.84
CA GLN A 112 2.87 -0.89 23.45
C GLN A 112 4.36 -0.61 23.40
N GLU A 113 5.16 -1.56 23.90
CA GLU A 113 6.61 -1.45 23.84
C GLU A 113 7.07 -1.17 22.42
N GLY A 114 6.56 -1.96 21.45
CA GLY A 114 6.96 -1.76 20.07
C GLY A 114 6.69 -0.34 19.59
N LEU A 115 5.51 0.21 19.94
CA LEU A 115 5.22 1.55 19.41
C LEU A 115 6.12 2.60 20.07
N GLN A 116 6.41 2.42 21.37
CA GLN A 116 7.33 3.32 22.03
C GLN A 116 8.68 3.30 21.33
N ARG A 117 9.13 2.09 20.92
CA ARG A 117 10.39 1.98 20.21
C ARG A 117 10.36 2.74 18.89
N LEU A 118 9.25 2.59 18.14
CA LEU A 118 9.16 3.31 16.88
C LEU A 118 9.19 4.82 17.14
N ASP A 119 8.49 5.27 18.20
CA ASP A 119 8.56 6.68 18.59
C ASP A 119 9.99 7.09 18.90
N GLN A 120 10.73 6.29 19.66
CA GLN A 120 12.08 6.74 19.99
C GLN A 120 12.96 6.78 18.73
N THR A 121 12.77 5.81 17.81
CA THR A 121 13.74 5.70 16.73
C THR A 121 13.63 6.89 15.80
N LEU A 122 12.41 7.12 15.28
CA LEU A 122 12.14 8.27 14.44
C LEU A 122 12.58 9.55 15.11
N ALA A 123 12.52 9.62 16.45
CA ALA A 123 12.83 10.90 17.06
C ALA A 123 14.32 11.15 17.07
N GLU A 124 15.12 10.11 17.37
CA GLU A 124 16.56 10.31 17.48
C GLU A 124 17.21 10.42 16.11
N LYS A 125 16.61 9.82 15.09
CA LYS A 125 17.09 9.88 13.72
C LYS A 125 16.46 11.03 12.93
N ASN A 126 15.75 11.94 13.61
CA ASN A 126 15.13 13.14 13.00
C ASN A 126 14.29 12.78 11.78
N ASN A 127 13.38 11.84 11.99
CA ASN A 127 12.38 11.50 10.99
C ASN A 127 13.01 11.01 9.70
N LEU A 128 14.24 10.48 9.80
CA LEU A 128 14.98 9.91 8.69
C LEU A 128 15.30 10.95 7.62
N GLN A 129 15.43 12.21 8.01
CA GLN A 129 15.72 13.25 7.05
C GLN A 129 17.24 13.40 6.84
N GLY A 130 17.60 14.23 5.87
CA GLY A 130 19.00 14.45 5.54
C GLY A 130 19.78 13.19 5.23
N LEU A 131 19.13 12.20 4.62
CA LEU A 131 19.77 10.95 4.23
C LEU A 131 19.69 10.84 2.72
N THR A 132 20.60 10.07 2.13
CA THR A 132 20.43 9.66 0.74
C THR A 132 19.27 8.66 0.63
N ARG A 133 18.90 8.30 -0.62
CA ARG A 133 17.80 7.37 -0.84
C ARG A 133 18.11 5.98 -0.25
N GLU A 134 19.32 5.49 -0.44
CA GLU A 134 19.69 4.16 0.05
C GLU A 134 19.69 4.12 1.57
N GLU A 135 20.28 5.12 2.21
CA GLU A 135 20.25 5.25 3.67
C GLU A 135 18.80 5.25 4.20
N PHE A 136 17.97 6.18 3.69
CA PHE A 136 16.58 6.25 4.08
C PHE A 136 15.93 4.88 3.94
N ASN A 137 16.10 4.21 2.79
CA ASN A 137 15.44 2.92 2.62
C ASN A 137 15.90 1.88 3.67
N SER A 138 17.21 1.83 3.97
CA SER A 138 17.64 0.82 4.94
C SER A 138 17.02 1.06 6.30
N GLU A 139 16.97 2.34 6.73
CA GLU A 139 16.27 2.67 7.98
C GLU A 139 14.75 2.35 7.91
N ALA A 140 14.10 2.90 6.88
CA ALA A 140 12.66 2.72 6.71
C ALA A 140 12.28 1.25 6.76
N ILE A 141 13.10 0.35 6.19
CA ILE A 141 12.73 -1.06 6.12
C ILE A 141 12.60 -1.65 7.54
N GLU A 142 13.59 -1.42 8.41
CA GLU A 142 13.49 -1.84 9.80
C GLU A 142 12.20 -1.36 10.47
N LEU A 143 11.89 -0.05 10.37
CA LEU A 143 10.59 0.42 10.94
C LEU A 143 9.38 -0.23 10.26
N PHE A 144 9.44 -0.50 8.96
CA PHE A 144 8.29 -1.05 8.28
C PHE A 144 8.05 -2.51 8.68
N ASN A 145 9.13 -3.31 8.79
CA ASN A 145 8.99 -4.69 9.25
C ASN A 145 8.43 -4.72 10.67
N SER A 146 8.95 -3.85 11.53
CA SER A 146 8.45 -3.82 12.91
C SER A 146 6.95 -3.45 12.97
N LEU A 147 6.56 -2.38 12.27
CA LEU A 147 5.13 -2.04 12.23
C LEU A 147 4.30 -3.15 11.63
N ASN A 148 4.86 -3.92 10.68
CA ASN A 148 4.13 -5.06 10.13
C ASN A 148 3.79 -6.05 11.21
N GLN A 149 4.77 -6.36 12.08
CA GLN A 149 4.55 -7.32 13.16
C GLN A 149 3.64 -6.77 14.23
N LEU A 150 3.68 -5.47 14.48
CA LEU A 150 2.93 -4.91 15.60
C LEU A 150 1.43 -4.88 15.26
N HIS A 151 1.08 -4.38 14.06
CA HIS A 151 -0.25 -4.55 13.47
C HIS A 151 -1.25 -4.02 14.49
N PRO A 152 -1.04 -2.79 14.94
CA PRO A 152 -1.65 -2.35 16.20
C PRO A 152 -3.15 -2.05 16.14
N PHE A 153 -3.78 -1.98 14.94
CA PHE A 153 -5.20 -1.64 14.87
C PHE A 153 -6.05 -2.88 14.70
N ARG A 154 -7.31 -2.78 15.15
CA ARG A 154 -8.29 -3.85 14.95
C ARG A 154 -8.51 -4.15 13.46
N GLU A 155 -8.57 -3.11 12.62
CA GLU A 155 -8.67 -3.24 11.17
C GLU A 155 -8.13 -1.96 10.49
N GLY A 156 -7.70 -2.10 9.21
CA GLY A 156 -7.06 -1.02 8.48
C GLY A 156 -5.54 -0.83 8.70
N ASN A 157 -4.81 -1.88 9.08
CA ASN A 157 -3.37 -1.74 9.38
C ASN A 157 -2.53 -1.49 8.12
N GLY A 158 -2.77 -2.26 7.07
CA GLY A 158 -1.98 -2.07 5.87
C GLY A 158 -2.14 -0.67 5.28
N ARG A 159 -3.40 -0.18 5.22
CA ARG A 159 -3.68 1.10 4.56
C ARG A 159 -3.07 2.28 5.31
N THR A 160 -3.17 2.22 6.65
CA THR A 160 -2.58 3.26 7.51
C THR A 160 -1.05 3.25 7.45
N GLN A 161 -0.46 2.07 7.56
CA GLN A 161 1.00 1.94 7.49
C GLN A 161 1.54 2.44 6.14
N ARG A 162 0.90 2.04 5.03
CA ARG A 162 1.40 2.47 3.73
C ARG A 162 1.39 3.99 3.62
N LEU A 163 0.25 4.62 3.99
CA LEU A 163 0.20 6.07 3.94
C LEU A 163 1.26 6.70 4.86
N PHE A 164 1.50 6.10 6.03
CA PHE A 164 2.52 6.63 6.93
C PHE A 164 3.88 6.60 6.26
N PHE A 165 4.19 5.54 5.54
CA PHE A 165 5.54 5.46 4.99
C PHE A 165 5.69 6.27 3.70
N GLU A 166 4.58 6.51 2.97
CA GLU A 166 4.61 7.41 1.81
C GLU A 166 4.88 8.83 2.26
N ASN A 167 4.18 9.27 3.29
CA ASN A 167 4.34 10.62 3.80
C ASN A 167 5.70 10.80 4.49
N LEU A 168 6.12 9.79 5.25
CA LEU A 168 7.46 9.80 5.84
C LEU A 168 8.54 9.97 4.75
N ALA A 169 8.46 9.17 3.68
CA ALA A 169 9.44 9.36 2.60
C ALA A 169 9.34 10.74 1.98
N LYS A 170 8.12 11.23 1.77
CA LYS A 170 7.97 12.54 1.15
C LYS A 170 8.62 13.61 2.00
N ALA A 171 8.47 13.52 3.32
CA ALA A 171 9.03 14.60 4.16
C ALA A 171 10.55 14.49 4.26
N ALA A 172 11.09 13.29 4.09
CA ALA A 172 12.54 13.10 4.07
C ALA A 172 13.16 13.36 2.71
N GLY A 173 12.36 13.72 1.72
CA GLY A 173 12.87 14.04 0.41
C GLY A 173 13.01 12.88 -0.55
N HIS A 174 12.26 11.80 -0.33
CA HIS A 174 12.29 10.62 -1.20
C HIS A 174 10.86 10.22 -1.51
N GLN A 175 10.67 9.07 -2.12
CA GLN A 175 9.33 8.58 -2.41
C GLN A 175 9.31 7.08 -2.29
N LEU A 176 8.11 6.57 -1.98
CA LEU A 176 7.82 5.14 -1.95
C LEU A 176 6.51 4.98 -2.72
N ASN A 177 6.55 4.33 -3.87
CA ASN A 177 5.34 4.29 -4.69
C ASN A 177 4.74 2.89 -4.61
N PHE A 178 3.79 2.72 -3.69
CA PHE A 178 3.26 1.41 -3.35
C PHE A 178 2.26 0.94 -4.39
N SER A 179 1.73 1.86 -5.18
CA SER A 179 0.80 1.45 -6.22
C SER A 179 1.49 0.62 -7.29
N LEU A 180 2.81 0.51 -7.27
CA LEU A 180 3.52 -0.27 -8.26
C LEU A 180 3.77 -1.71 -7.80
N ILE A 181 3.30 -2.05 -6.60
CA ILE A 181 3.57 -3.33 -5.93
C ILE A 181 2.29 -4.16 -5.96
N THR A 182 2.36 -5.38 -6.50
CA THR A 182 1.21 -6.30 -6.50
C THR A 182 1.00 -7.00 -5.14
N LYS A 183 -0.23 -7.51 -4.94
CA LYS A 183 -0.57 -8.21 -3.72
C LYS A 183 0.34 -9.41 -3.49
N GLU A 184 0.64 -10.11 -4.57
CA GLU A 184 1.58 -11.24 -4.53
C GLU A 184 2.97 -10.83 -4.03
N ARG A 185 3.55 -9.78 -4.64
CA ARG A 185 4.93 -9.40 -4.29
C ARG A 185 5.00 -8.92 -2.83
N MET A 186 4.00 -8.15 -2.39
CA MET A 186 3.92 -7.71 -0.99
C MET A 186 3.98 -8.90 -0.03
N MET A 187 3.21 -9.95 -0.34
CA MET A 187 3.18 -11.09 0.58
C MET A 187 4.50 -11.88 0.54
N VAL A 188 5.09 -12.07 -0.66
CA VAL A 188 6.40 -12.73 -0.75
C VAL A 188 7.43 -11.98 0.13
N ALA A 189 7.51 -10.65 -0.01
CA ALA A 189 8.49 -9.84 0.75
C ALA A 189 8.27 -9.98 2.25
N SER A 190 7.02 -9.80 2.70
CA SER A 190 6.74 -9.84 4.14
C SER A 190 7.05 -11.21 4.73
N VAL A 191 6.64 -12.29 4.06
CA VAL A 191 6.89 -13.56 4.70
C VAL A 191 8.36 -13.94 4.60
N ALA A 192 9.07 -13.45 3.56
CA ALA A 192 10.52 -13.64 3.59
C ALA A 192 11.09 -13.03 4.87
N VAL A 193 10.62 -11.83 5.25
CA VAL A 193 11.09 -11.25 6.52
C VAL A 193 10.68 -12.14 7.69
N ALA A 194 9.37 -12.36 7.84
CA ALA A 194 8.82 -12.88 9.08
C ALA A 194 9.16 -14.35 9.27
N GLU A 195 9.24 -15.09 8.19
CA GLU A 195 9.47 -16.53 8.22
C GLU A 195 10.95 -16.88 8.05
N ASN A 196 11.64 -16.33 7.03
CA ASN A 196 13.01 -16.79 6.73
C ASN A 196 14.13 -15.90 7.28
N GLY A 197 13.83 -14.83 8.00
CA GLY A 197 14.88 -13.86 8.32
C GLY A 197 15.62 -13.24 7.13
N ASP A 198 14.97 -13.13 5.98
CA ASP A 198 15.63 -12.74 4.74
C ASP A 198 15.11 -11.36 4.30
N LEU A 199 16.00 -10.36 4.31
CA LEU A 199 15.59 -8.99 4.00
C LEU A 199 15.62 -8.64 2.52
N GLU A 200 16.33 -9.42 1.69
CA GLU A 200 16.52 -9.05 0.27
C GLU A 200 15.23 -8.74 -0.44
N PRO A 201 14.22 -9.63 -0.49
CA PRO A 201 12.99 -9.28 -1.24
C PRO A 201 12.42 -7.93 -0.84
N MET A 202 12.39 -7.60 0.47
CA MET A 202 11.90 -6.31 0.91
C MET A 202 12.80 -5.15 0.47
N GLN A 203 14.12 -5.29 0.62
CA GLN A 203 15.04 -4.29 0.07
C GLN A 203 14.83 -4.05 -1.44
N HIS A 204 14.61 -5.13 -2.22
CA HIS A 204 14.38 -5.02 -3.67
C HIS A 204 13.05 -4.32 -3.96
N LEU A 205 12.00 -4.68 -3.19
CA LEU A 205 10.74 -3.95 -3.21
C LEU A 205 10.94 -2.44 -3.03
N PHE A 206 11.57 -2.02 -1.91
CA PHE A 206 11.78 -0.57 -1.65
C PHE A 206 12.62 0.09 -2.74
N GLU A 207 13.57 -0.67 -3.36
CA GLU A 207 14.38 -0.09 -4.44
C GLU A 207 13.54 0.20 -5.70
N ASP A 208 12.71 -0.75 -6.12
CA ASP A 208 11.92 -0.58 -7.35
C ASP A 208 10.96 0.61 -7.27
N ILE A 209 10.42 0.90 -6.07
CA ILE A 209 9.39 1.94 -5.91
C ILE A 209 9.95 3.28 -5.37
N SER A 210 11.28 3.39 -5.23
CA SER A 210 11.96 4.62 -4.84
C SER A 210 12.88 5.15 -5.95
N ASN A 211 13.65 4.28 -6.58
CA ASN A 211 14.47 4.67 -7.72
C ASN A 211 13.62 5.27 -8.84
N PRO A 212 13.83 6.55 -9.19
CA PRO A 212 13.05 7.17 -10.30
C PRO A 212 13.13 6.45 -11.62
N GLU A 213 14.34 6.04 -12.04
CA GLU A 213 14.48 5.24 -13.24
C GLU A 213 13.63 3.99 -13.15
N LYS A 214 13.51 3.39 -11.96
CA LYS A 214 12.77 2.14 -11.92
C LYS A 214 11.26 2.38 -11.88
N ILE A 215 10.86 3.48 -11.20
CA ILE A 215 9.45 3.85 -11.12
C ILE A 215 8.89 4.12 -12.52
N ARG A 216 9.68 4.76 -13.39
CA ARG A 216 9.21 5.02 -14.75
C ARG A 216 8.85 3.72 -15.46
N LEU A 217 9.72 2.70 -15.30
CA LEU A 217 9.58 1.42 -15.99
C LEU A 217 8.33 0.68 -15.52
N LEU A 218 8.12 0.64 -14.20
CA LEU A 218 6.97 -0.09 -13.68
C LEU A 218 5.68 0.67 -13.94
N LYS A 219 5.73 2.00 -13.86
CA LYS A 219 4.59 2.82 -14.31
C LYS A 219 4.16 2.50 -15.75
N GLU A 220 5.10 2.46 -16.69
CA GLU A 220 4.73 2.09 -18.05
C GLU A 220 4.16 0.70 -18.08
N PHE A 221 4.78 -0.27 -17.38
CA PHE A 221 4.32 -1.64 -17.50
C PHE A 221 2.90 -1.79 -16.95
N MET A 222 2.61 -1.14 -15.82
CA MET A 222 1.30 -1.30 -15.20
C MET A 222 0.24 -0.63 -16.05
N HIS A 223 0.56 0.58 -16.55
CA HIS A 223 -0.31 1.27 -17.50
C HIS A 223 -0.68 0.38 -18.69
N THR A 224 0.33 -0.26 -19.30
CA THR A 224 0.05 -1.20 -20.39
C THR A 224 -0.89 -2.30 -19.96
N MET A 225 -0.63 -2.92 -18.80
CA MET A 225 -1.50 -3.98 -18.27
C MET A 225 -2.94 -3.52 -18.12
N LYS A 226 -3.15 -2.33 -17.56
CA LYS A 226 -4.51 -1.81 -17.46
C LYS A 226 -5.12 -1.64 -18.85
N ASN A 227 -4.38 -1.06 -19.80
CA ASN A 227 -4.94 -0.85 -21.15
C ASN A 227 -5.19 -2.16 -21.86
N THR A 228 -4.40 -3.18 -21.54
CA THR A 228 -4.61 -4.55 -21.98
C THR A 228 -5.80 -5.17 -21.29
N GLY A 229 -6.26 -4.55 -20.21
CA GLY A 229 -7.22 -5.22 -19.34
C GLY A 229 -6.69 -6.47 -18.66
N ARG A 230 -5.41 -6.51 -18.31
CA ARG A 230 -4.82 -7.67 -17.64
C ARG A 230 -4.61 -7.36 -16.17
N ASN A 231 -5.03 -8.27 -15.29
CA ASN A 231 -4.90 -8.14 -13.85
C ASN A 231 -3.68 -8.93 -13.37
N VAL A 232 -2.66 -8.22 -12.92
CA VAL A 232 -1.44 -8.85 -12.42
C VAL A 232 -1.35 -8.89 -10.89
N ASN A 233 -2.44 -8.54 -10.19
CA ASN A 233 -2.35 -8.42 -8.74
C ASN A 233 -1.90 -9.72 -8.06
N ASP A 234 -2.13 -10.87 -8.72
CA ASP A 234 -1.75 -12.19 -8.25
C ASP A 234 -0.38 -12.69 -8.75
N ARG A 235 0.38 -11.89 -9.49
CA ARG A 235 1.68 -12.30 -10.01
C ARG A 235 2.82 -11.42 -9.47
N PRO A 236 4.02 -12.01 -9.33
CA PRO A 236 5.20 -11.18 -9.08
C PRO A 236 5.50 -10.28 -10.27
N VAL A 237 5.73 -9.00 -9.97
CA VAL A 237 6.11 -7.97 -10.95
C VAL A 237 7.26 -7.19 -10.31
N MET A 238 8.42 -7.20 -10.96
CA MET A 238 9.54 -6.50 -10.37
C MET A 238 10.51 -6.10 -11.46
N VAL A 239 11.38 -5.19 -11.09
CA VAL A 239 12.39 -4.70 -12.00
C VAL A 239 13.63 -5.54 -11.81
N ALA A 240 14.23 -5.98 -12.92
CA ALA A 240 15.44 -6.78 -12.86
C ALA A 240 16.48 -6.14 -11.96
N LYS A 241 17.12 -6.97 -11.13
CA LYS A 241 18.20 -6.54 -10.24
C LYS A 241 19.53 -6.43 -10.99
N GLU A 242 20.31 -5.41 -10.64
CA GLU A 242 21.57 -5.20 -11.30
C GLU A 242 22.48 -6.41 -11.06
N GLY A 243 22.95 -7.01 -12.16
CA GLY A 243 23.87 -8.11 -12.12
C GLY A 243 23.24 -9.47 -12.24
N GLU A 244 21.93 -9.60 -11.98
CA GLU A 244 21.23 -10.87 -12.07
C GLU A 244 20.96 -11.29 -13.52
N THR A 245 20.84 -12.58 -13.72
CA THR A 245 20.49 -13.10 -15.03
C THR A 245 19.07 -13.68 -14.95
N TYR A 246 18.34 -13.56 -16.04
CA TYR A 246 17.00 -14.10 -16.12
C TYR A 246 16.88 -14.81 -17.46
N THR A 247 16.14 -15.91 -17.49
CA THR A 247 15.91 -16.60 -18.74
C THR A 247 14.44 -16.95 -18.88
N GLY A 248 13.81 -16.44 -19.94
CA GLY A 248 12.40 -16.68 -20.13
C GLY A 248 11.88 -16.11 -21.43
N THR A 249 10.57 -15.94 -21.49
CA THR A 249 9.85 -15.65 -22.71
C THR A 249 9.77 -14.15 -22.92
N TYR A 250 10.30 -13.66 -24.04
CA TYR A 250 10.22 -12.25 -24.35
C TYR A 250 8.76 -11.81 -24.46
N ARG A 251 8.37 -10.82 -23.65
CA ARG A 251 6.98 -10.41 -23.50
C ARG A 251 6.63 -9.17 -24.32
N GLY A 252 7.61 -8.57 -24.98
CA GLY A 252 7.39 -7.33 -25.69
C GLY A 252 8.04 -6.15 -24.99
N ALA A 253 7.93 -5.01 -25.67
CA ALA A 253 8.66 -3.82 -25.32
C ALA A 253 7.77 -2.61 -25.47
N GLY A 254 8.24 -1.50 -24.94
CA GLY A 254 7.47 -0.28 -24.89
C GLY A 254 8.42 0.88 -25.12
N LEU A 255 7.90 2.08 -24.99
CA LEU A 255 8.77 3.24 -25.15
C LEU A 255 9.98 3.18 -24.20
N GLU A 256 9.75 3.02 -22.89
CA GLU A 256 10.84 3.06 -21.90
C GLU A 256 11.46 1.71 -21.54
N GLY A 257 10.68 0.62 -21.48
CA GLY A 257 11.18 -0.60 -20.89
C GLY A 257 10.66 -1.81 -21.63
N PHE A 258 11.22 -2.97 -21.28
CA PHE A 258 10.75 -4.24 -21.80
C PHE A 258 10.47 -5.20 -20.66
N ALA A 259 9.68 -6.21 -20.97
CA ALA A 259 9.19 -7.19 -20.02
C ALA A 259 9.61 -8.59 -20.47
N LEU A 260 10.02 -9.36 -19.48
CA LEU A 260 10.42 -10.75 -19.57
C LEU A 260 9.51 -11.59 -18.68
N ASN A 261 9.24 -12.83 -19.07
CA ASN A 261 8.33 -13.67 -18.32
C ASN A 261 9.07 -14.91 -17.83
N VAL A 262 9.29 -15.02 -16.50
CA VAL A 262 10.15 -16.06 -15.93
C VAL A 262 9.35 -16.86 -14.92
N LYS A 263 9.02 -18.11 -15.27
CA LYS A 263 8.26 -18.98 -14.39
C LYS A 263 7.02 -18.26 -13.81
N GLY A 264 6.32 -17.53 -14.68
CA GLY A 264 5.11 -16.83 -14.31
C GLY A 264 5.31 -15.42 -13.79
N ALA A 265 6.53 -15.06 -13.38
CA ALA A 265 6.82 -13.72 -12.90
C ALA A 265 7.07 -12.75 -14.05
N TYR A 266 6.75 -11.47 -13.83
CA TYR A 266 7.13 -10.41 -14.77
C TYR A 266 8.37 -9.64 -14.29
N ILE A 267 9.41 -9.62 -15.11
CA ILE A 267 10.70 -8.96 -14.87
C ILE A 267 10.80 -7.79 -15.83
N ILE A 268 10.86 -6.54 -15.30
CA ILE A 268 10.95 -5.35 -16.14
C ILE A 268 12.40 -4.89 -16.20
N GLY A 269 12.83 -4.44 -17.39
CA GLY A 269 14.17 -3.89 -17.56
C GLY A 269 14.16 -2.75 -18.54
N ASN A 270 15.28 -2.04 -18.58
CA ASN A 270 15.42 -0.85 -19.41
C ASN A 270 15.72 -1.28 -20.85
N ILE A 271 15.06 -0.64 -21.83
CA ILE A 271 15.29 -1.02 -23.24
C ILE A 271 16.74 -0.78 -23.66
N ASP A 272 17.36 0.32 -23.19
CA ASP A 272 18.76 0.61 -23.54
C ASP A 272 19.72 -0.44 -23.02
N HIS A 273 19.28 -1.35 -22.15
CA HIS A 273 20.15 -2.41 -21.68
C HIS A 273 20.07 -3.68 -22.53
N LEU A 274 19.14 -3.74 -23.47
CA LEU A 274 19.19 -4.85 -24.42
C LEU A 274 20.26 -4.58 -25.47
N PRO A 275 20.97 -5.60 -25.90
CA PRO A 275 21.82 -5.43 -27.07
C PRO A 275 20.99 -4.92 -28.22
N PRO A 276 21.35 -3.80 -28.86
CA PRO A 276 20.59 -3.37 -30.04
C PRO A 276 20.62 -4.39 -31.18
N GLU A 277 21.65 -5.24 -31.25
CA GLU A 277 21.66 -6.37 -32.16
C GLU A 277 20.69 -7.47 -31.74
N GLN A 278 20.24 -7.48 -30.49
CA GLN A 278 19.11 -8.32 -30.08
C GLN A 278 17.76 -7.67 -30.41
N LEU A 279 17.53 -6.46 -29.88
CA LEU A 279 16.23 -5.80 -29.99
C LEU A 279 15.65 -5.89 -31.39
N LYS A 280 16.51 -5.70 -32.40
CA LYS A 280 16.07 -5.57 -33.79
C LYS A 280 15.09 -6.67 -34.16
N ILE A 281 15.54 -7.92 -34.19
CA ILE A 281 14.64 -9.05 -34.39
C ILE A 281 14.45 -9.67 -33.02
N LEU A 282 13.34 -9.32 -32.37
CA LEU A 282 12.91 -9.98 -31.15
C LEU A 282 11.40 -10.04 -31.20
N LYS A 283 10.84 -11.24 -31.14
CA LYS A 283 9.40 -11.32 -31.24
C LYS A 283 8.81 -11.85 -29.94
N PRO A 284 7.61 -11.41 -29.57
CA PRO A 284 6.98 -11.96 -28.36
C PRO A 284 6.92 -13.48 -28.41
N GLY A 285 7.34 -14.12 -27.31
CA GLY A 285 7.44 -15.54 -27.28
C GLY A 285 8.84 -16.07 -27.46
N ASP A 286 9.72 -15.27 -28.05
CA ASP A 286 11.10 -15.69 -28.19
C ASP A 286 11.70 -15.97 -26.80
N LYS A 287 12.61 -16.93 -26.74
CA LYS A 287 13.27 -17.26 -25.48
C LYS A 287 14.57 -16.47 -25.38
N ILE A 288 14.63 -15.52 -24.45
CA ILE A 288 15.84 -14.72 -24.32
C ILE A 288 16.41 -14.87 -22.91
N THR A 289 17.72 -14.64 -22.83
CA THR A 289 18.44 -14.52 -21.57
C THR A 289 18.97 -13.10 -21.43
N PHE A 290 18.78 -12.49 -20.26
CA PHE A 290 19.11 -11.10 -20.05
C PHE A 290 19.81 -10.97 -18.72
N THR A 291 21.01 -10.39 -18.73
CA THR A 291 21.74 -10.05 -17.52
C THR A 291 21.71 -8.54 -17.37
N ALA A 292 21.09 -8.05 -16.29
CA ALA A 292 21.05 -6.62 -16.05
C ALA A 292 22.44 -6.11 -15.65
N PRO A 293 22.84 -4.93 -16.12
CA PRO A 293 24.21 -4.41 -15.89
C PRO A 293 24.42 -3.68 -14.56
N LYS A 294 25.66 -3.25 -14.36
CA LYS A 294 26.13 -2.59 -13.13
C LYS A 294 25.10 -1.65 -12.49
N THR B 14 -3.76 22.64 -14.47
CA THR B 14 -2.30 22.52 -14.60
C THR B 14 -1.76 21.09 -14.54
N LEU B 15 -0.77 20.81 -15.40
CA LEU B 15 -0.17 19.48 -15.54
C LEU B 15 0.30 18.91 -14.21
N GLU B 16 1.06 19.70 -13.43
CA GLU B 16 1.54 19.18 -12.15
C GLU B 16 0.40 18.64 -11.30
N GLU B 17 -0.72 19.37 -11.28
CA GLU B 17 -1.91 19.01 -10.50
C GLU B 17 -2.52 17.71 -11.01
N LEU B 18 -2.66 17.58 -12.35
CA LEU B 18 -3.11 16.33 -12.94
C LEU B 18 -2.21 15.16 -12.57
N LYS B 19 -0.90 15.38 -12.60
CA LYS B 19 0.05 14.39 -12.09
C LYS B 19 -0.31 13.97 -10.68
N LYS B 20 -0.43 14.96 -9.77
CA LYS B 20 -0.72 14.69 -8.36
C LYS B 20 -1.99 13.85 -8.19
N ARG B 21 -3.06 14.25 -8.89
CA ARG B 21 -4.37 13.61 -8.71
C ARG B 21 -4.40 12.24 -9.32
N ARG B 22 -3.71 12.08 -10.46
CA ARG B 22 -3.57 10.76 -11.05
C ARG B 22 -2.94 9.78 -10.08
N GLU B 23 -1.73 10.10 -9.61
CA GLU B 23 -1.09 9.32 -8.55
C GLU B 23 -2.03 9.08 -7.37
N ALA B 24 -2.81 10.11 -6.99
CA ALA B 24 -3.62 10.00 -5.77
C ALA B 24 -4.74 8.98 -5.92
N VAL B 25 -5.43 8.99 -7.07
CA VAL B 25 -6.47 8.00 -7.36
C VAL B 25 -5.86 6.60 -7.59
N ASP B 26 -4.71 6.54 -8.26
CA ASP B 26 -4.06 5.24 -8.42
C ASP B 26 -3.69 4.64 -7.08
N ALA B 27 -3.21 5.48 -6.15
CA ALA B 27 -2.85 5.01 -4.82
C ALA B 27 -4.08 4.55 -4.06
N VAL B 28 -5.21 5.26 -4.20
CA VAL B 28 -6.43 4.83 -3.52
C VAL B 28 -6.87 3.46 -4.03
N ILE B 29 -6.86 3.29 -5.34
CA ILE B 29 -7.28 2.01 -5.91
C ILE B 29 -6.31 0.90 -5.49
N SER B 30 -5.01 1.20 -5.57
CA SER B 30 -3.99 0.20 -5.30
C SER B 30 -4.04 -0.27 -3.87
N THR B 31 -4.22 0.67 -2.91
CA THR B 31 -4.08 0.31 -1.50
C THR B 31 -5.20 -0.63 -1.05
N HIS B 32 -6.38 -0.52 -1.68
CA HIS B 32 -7.44 -1.50 -1.52
C HIS B 32 -7.12 -2.79 -2.25
N ALA B 33 -6.74 -2.73 -3.53
CA ALA B 33 -6.36 -3.99 -4.20
C ALA B 33 -5.33 -4.80 -3.37
N LEU B 34 -4.44 -4.13 -2.64
CA LEU B 34 -3.48 -4.89 -1.86
C LEU B 34 -4.14 -5.60 -0.67
N GLU B 35 -5.40 -5.26 -0.35
CA GLU B 35 -6.18 -5.95 0.69
C GLU B 35 -7.19 -6.91 0.11
N GLY B 36 -7.18 -7.11 -1.21
CA GLY B 36 -8.20 -7.92 -1.81
C GLY B 36 -9.53 -7.21 -2.03
N ILE B 37 -9.58 -5.88 -2.07
CA ILE B 37 -10.85 -5.15 -2.17
C ILE B 37 -10.93 -4.45 -3.52
N ALA B 38 -12.02 -4.65 -4.22
CA ALA B 38 -12.33 -3.90 -5.43
C ALA B 38 -13.39 -2.88 -5.08
N LEU B 39 -13.26 -1.67 -5.59
CA LEU B 39 -14.14 -0.59 -5.19
C LEU B 39 -15.46 -0.68 -5.97
N HIS B 40 -16.52 -0.17 -5.37
CA HIS B 40 -17.80 -0.05 -6.07
C HIS B 40 -17.65 0.78 -7.36
N PRO B 41 -18.34 0.44 -8.44
CA PRO B 41 -18.25 1.23 -9.69
C PRO B 41 -18.63 2.72 -9.56
N LYS B 42 -19.54 3.11 -8.65
CA LYS B 42 -19.79 4.54 -8.43
C LYS B 42 -18.58 5.23 -7.82
N THR B 43 -17.86 4.52 -6.96
CA THR B 43 -16.63 5.02 -6.37
C THR B 43 -15.58 5.26 -7.45
N LEU B 44 -15.42 4.27 -8.32
CA LEU B 44 -14.42 4.44 -9.37
C LEU B 44 -14.81 5.55 -10.33
N LYS B 45 -16.11 5.76 -10.55
CA LYS B 45 -16.52 6.81 -11.49
C LYS B 45 -16.27 8.20 -10.92
N ILE B 46 -16.59 8.41 -9.64
CA ILE B 46 -16.35 9.73 -9.05
C ILE B 46 -14.83 10.00 -8.97
N LEU B 47 -14.05 9.01 -8.48
CA LEU B 47 -12.59 9.16 -8.46
C LEU B 47 -12.06 9.50 -9.86
N GLU B 48 -12.56 8.82 -10.87
CA GLU B 48 -11.99 9.07 -12.19
C GLU B 48 -12.35 10.48 -12.67
N GLY B 49 -13.52 10.97 -12.25
CA GLY B 49 -13.90 12.32 -12.63
C GLY B 49 -13.04 13.36 -11.96
N TYR B 50 -12.54 13.07 -10.77
CA TYR B 50 -11.64 14.01 -10.12
C TYR B 50 -10.21 13.92 -10.69
N ALA B 51 -9.68 12.71 -10.96
CA ALA B 51 -8.37 12.55 -11.60
C ALA B 51 -8.28 13.23 -12.96
N ARG B 52 -9.40 13.42 -13.64
CA ARG B 52 -9.37 13.90 -15.01
C ARG B 52 -9.09 15.44 -15.16
N GLY B 53 -9.38 16.29 -14.17
CA GLY B 53 -10.60 16.25 -13.40
C GLY B 53 -11.69 17.12 -13.99
N ASN B 54 -12.91 16.59 -14.06
CA ASN B 54 -14.10 17.35 -14.39
C ASN B 54 -14.65 18.09 -13.19
N THR B 55 -14.04 17.89 -12.03
CA THR B 55 -14.64 18.23 -10.74
C THR B 55 -13.56 18.75 -9.81
N SER B 56 -13.87 19.83 -9.11
CA SER B 56 -12.95 20.26 -8.06
C SER B 56 -13.01 19.27 -6.90
N LEU B 57 -12.16 19.50 -5.90
CA LEU B 57 -12.25 18.63 -4.73
C LEU B 57 -13.57 18.84 -3.98
N GLU B 58 -14.03 20.09 -3.83
CA GLU B 58 -15.32 20.30 -3.14
C GLU B 58 -16.46 19.60 -3.85
N GLU B 59 -16.44 19.64 -5.19
CA GLU B 59 -17.48 18.93 -5.93
C GLU B 59 -17.33 17.41 -5.78
N PHE B 60 -16.08 16.91 -5.86
CA PHE B 60 -15.82 15.48 -5.64
C PHE B 60 -16.33 15.04 -4.27
N ASN B 61 -16.12 15.86 -3.23
CA ASN B 61 -16.64 15.48 -1.91
C ASN B 61 -18.18 15.47 -1.91
N THR B 62 -18.83 16.47 -2.53
CA THR B 62 -20.29 16.43 -2.61
C THR B 62 -20.80 15.17 -3.32
N LEU B 63 -20.14 14.76 -4.41
CA LEU B 63 -20.58 13.56 -5.14
C LEU B 63 -20.29 12.27 -4.33
N MET B 64 -19.16 12.18 -3.64
CA MET B 64 -18.98 11.02 -2.76
C MET B 64 -20.03 11.00 -1.65
N ASP B 65 -20.33 12.15 -1.06
CA ASP B 65 -21.37 12.16 -0.02
C ASP B 65 -22.71 11.70 -0.59
N ASN B 66 -23.02 12.10 -1.82
CA ASN B 66 -24.39 11.87 -2.31
C ASN B 66 -24.57 10.53 -3.02
N ALA B 67 -23.50 9.74 -3.19
CA ALA B 67 -23.61 8.50 -3.95
C ALA B 67 -24.53 7.55 -3.19
N LYS B 68 -25.29 6.74 -3.92
CA LYS B 68 -26.18 5.78 -3.29
C LYS B 68 -25.74 4.40 -3.79
N LEU B 69 -25.19 3.62 -2.87
CA LEU B 69 -24.54 2.37 -3.23
C LEU B 69 -25.46 1.14 -3.26
MG MG C . -7.76 -3.99 6.21
#